data_1ZB7
#
_entry.id   1ZB7
#
_cell.length_a   178.8660
_cell.length_b   178.8660
_cell.length_c   80.8640
_cell.angle_alpha   90
_cell.angle_beta   90
_cell.angle_gamma   120
#
_symmetry.space_group_name_H-M   'P 62 2 2'
#
loop_
_entity.id
_entity.type
_entity.pdbx_description
1 polymer neurotoxin
2 non-polymer 'ZINC ION'
3 non-polymer 'CITRATE ANION'
4 water water
#
_entity_poly.entity_id   1
_entity_poly.type   'polypeptide(L)'
_entity_poly.pdbx_seq_one_letter_code
;MPVNIKNFNYNDPINNDDIIMMEPFNDPGPGTYYKAFRIIDRIWIVPERFTYGFQPDQFNASTGVFSKDVYEYYDPTYLK
TDAEKDKFLKTMIKLFNRINSKPSGQRLLDMIVDAIPYLGNASTPPDKFAANVANVSINKKIIQPGAEDQIKGLMTNLII
FGPGPVLSDNFTDSMIMNGHSPISEGFGARMMIRFCPSCLNVFNNVQENKDTSIFSRRAYFADPALTLMHELIHVLHGLY
GIKISNLPITPNTKEFFMQHSDPVQAEELYTFGGHDPSVISPSTDMNIYNKALQNFQDIANRLNIVSSAQGSGIDISLYK
QIYKNKYDFVEDPNGKYSVDKDKFDKLYKALMFGFTETNLAGEYGIKTRYSYFSEYLPPIKTEKLLDNTIYTQNEGFNIA
SKNLKTEFNGQNKAVNKEAYEEISLEHLVIYRIAMCKPVMYKNAPPTPGHHHHHH
;
_entity_poly.pdbx_strand_id   A
#
# COMPACT_ATOMS: atom_id res chain seq x y z
N PRO A 2 3.26 14.71 -13.05
CA PRO A 2 3.23 14.27 -11.65
C PRO A 2 1.93 14.72 -11.00
N VAL A 3 1.43 13.81 -10.16
CA VAL A 3 0.20 13.91 -9.37
C VAL A 3 0.29 15.14 -8.42
N ASN A 4 -0.83 15.82 -8.27
CA ASN A 4 -0.93 16.85 -7.29
C ASN A 4 -1.21 16.30 -5.87
N ILE A 5 -0.51 16.82 -4.89
CA ILE A 5 -0.69 16.39 -3.50
C ILE A 5 -1.16 17.62 -2.68
N LYS A 6 -2.38 17.50 -2.14
CA LYS A 6 -3.01 18.58 -1.42
C LYS A 6 -2.63 18.61 0.07
N ASN A 7 -2.37 19.81 0.59
CA ASN A 7 -2.16 20.11 1.98
C ASN A 7 -3.46 20.30 2.73
N PHE A 8 -3.54 19.87 3.97
CA PHE A 8 -4.72 19.93 4.82
C PHE A 8 -4.29 20.12 6.24
N ASN A 9 -5.18 20.71 7.02
CA ASN A 9 -5.11 20.69 8.48
C ASN A 9 -6.19 19.78 8.94
N TYR A 10 -5.98 19.00 10.00
CA TYR A 10 -7.01 18.18 10.58
C TYR A 10 -8.31 18.88 10.84
N ASN A 11 -8.24 20.13 11.27
CA ASN A 11 -9.44 20.90 11.63
C ASN A 11 -10.11 21.65 10.52
N ASP A 12 -9.56 21.57 9.31
CA ASP A 12 -10.18 22.11 8.13
C ASP A 12 -11.60 21.48 8.08
N PRO A 13 -12.67 22.29 7.86
CA PRO A 13 -14.03 21.72 7.87
C PRO A 13 -14.40 20.72 6.73
N ILE A 14 -15.28 19.81 7.14
CA ILE A 14 -15.94 18.89 6.24
C ILE A 14 -16.45 19.71 5.06
N ASN A 15 -16.14 19.31 3.82
CA ASN A 15 -16.74 19.99 2.70
C ASN A 15 -17.50 19.05 1.72
N ASN A 16 -17.48 17.73 2.00
CA ASN A 16 -18.20 16.68 1.27
C ASN A 16 -17.57 16.34 -0.02
N ASP A 17 -16.41 16.90 -0.30
CA ASP A 17 -15.68 16.69 -1.53
C ASP A 17 -14.36 15.97 -1.16
N ASP A 18 -13.38 16.74 -0.64
CA ASP A 18 -12.09 16.13 -0.35
C ASP A 18 -11.85 16.05 1.17
N ILE A 19 -12.80 16.55 1.94
CA ILE A 19 -12.82 16.35 3.38
C ILE A 19 -14.22 15.84 3.73
N ILE A 20 -14.30 14.58 4.12
CA ILE A 20 -15.55 13.90 4.27
C ILE A 20 -15.58 13.00 5.51
N MET A 21 -16.80 12.55 5.82
CA MET A 21 -17.13 11.45 6.71
C MET A 21 -17.35 10.19 5.90
N MET A 22 -16.65 9.14 6.27
CA MET A 22 -16.68 7.93 5.51
C MET A 22 -16.70 6.70 6.40
N GLU A 23 -17.33 5.65 5.89
CA GLU A 23 -17.49 4.42 6.58
C GLU A 23 -16.87 3.35 5.66
N PRO A 24 -15.60 3.01 5.88
CA PRO A 24 -14.87 2.14 4.94
C PRO A 24 -14.92 0.62 5.14
N PHE A 25 -15.62 0.13 6.12
CA PHE A 25 -15.71 -1.30 6.42
C PHE A 25 -17.17 -1.52 6.22
N ASN A 26 -17.55 -2.48 5.41
CA ASN A 26 -19.00 -2.54 5.05
C ASN A 26 -19.96 -2.95 6.23
N ASP A 27 -21.26 -2.87 6.02
CA ASP A 27 -22.09 -2.37 7.14
C ASP A 27 -22.77 -3.38 8.09
N PRO A 28 -22.54 -3.19 9.42
CA PRO A 28 -23.55 -3.61 10.42
C PRO A 28 -24.84 -2.77 10.32
N GLY A 29 -25.22 -2.34 9.11
CA GLY A 29 -26.08 -1.15 8.94
C GLY A 29 -25.39 0.07 9.56
N PRO A 30 -25.98 0.66 10.63
CA PRO A 30 -25.23 1.70 11.33
C PRO A 30 -23.82 1.28 11.81
N GLY A 31 -22.83 1.69 11.02
CA GLY A 31 -21.43 1.58 11.40
C GLY A 31 -20.81 2.93 11.76
N THR A 32 -19.50 2.93 11.99
CA THR A 32 -18.77 4.09 12.46
C THR A 32 -18.16 4.92 11.31
N TYR A 33 -18.45 6.22 11.29
CA TYR A 33 -17.89 7.14 10.30
C TYR A 33 -16.73 7.97 10.81
N TYR A 34 -15.76 8.19 9.93
CA TYR A 34 -14.51 8.85 10.22
C TYR A 34 -14.23 9.99 9.27
N LYS A 35 -13.46 10.95 9.74
CA LYS A 35 -13.09 12.15 9.00
C LYS A 35 -11.90 11.79 8.13
N ALA A 36 -12.04 11.93 6.80
CA ALA A 36 -11.03 11.53 5.82
C ALA A 36 -10.66 12.67 4.84
N PHE A 37 -9.43 12.62 4.34
CA PHE A 37 -8.78 13.71 3.56
C PHE A 37 -8.23 13.12 2.24
N ARG A 38 -8.70 13.67 1.14
CA ARG A 38 -8.26 13.22 -0.14
C ARG A 38 -7.09 14.08 -0.57
N ILE A 39 -5.92 13.51 -0.35
CA ILE A 39 -4.70 14.18 -0.68
C ILE A 39 -4.23 14.09 -2.15
N ILE A 40 -4.67 13.01 -2.80
CA ILE A 40 -4.39 12.69 -4.19
C ILE A 40 -5.69 12.10 -4.65
N ASP A 41 -6.05 12.29 -5.94
CA ASP A 41 -7.17 11.52 -6.49
C ASP A 41 -7.15 10.00 -6.16
N ARG A 42 -8.28 9.55 -5.63
CA ARG A 42 -8.55 8.20 -5.27
C ARG A 42 -7.78 7.65 -4.03
N ILE A 43 -7.05 8.53 -3.36
CA ILE A 43 -6.21 8.21 -2.19
C ILE A 43 -6.55 9.11 -0.97
N TRP A 44 -7.00 8.46 0.09
CA TRP A 44 -7.55 9.08 1.24
C TRP A 44 -6.67 8.75 2.47
N ILE A 45 -6.42 9.76 3.32
CA ILE A 45 -5.87 9.59 4.67
C ILE A 45 -6.98 9.72 5.74
N VAL A 46 -7.05 8.73 6.57
CA VAL A 46 -7.92 8.64 7.71
C VAL A 46 -7.02 8.58 8.97
N PRO A 47 -6.79 9.70 9.61
CA PRO A 47 -5.88 9.76 10.79
C PRO A 47 -6.51 9.26 12.08
N GLU A 48 -6.80 7.97 12.10
CA GLU A 48 -7.44 7.38 13.20
C GLU A 48 -6.81 6.01 13.32
N ARG A 49 -6.96 5.44 14.49
CA ARG A 49 -6.61 4.07 14.72
C ARG A 49 -7.61 3.16 14.01
N PHE A 50 -7.05 2.12 13.42
CA PHE A 50 -7.71 1.00 12.89
C PHE A 50 -8.21 -0.02 13.90
N THR A 51 -9.50 -0.01 14.05
CA THR A 51 -10.18 -0.69 15.09
C THR A 51 -10.88 -1.95 14.64
N TYR A 52 -11.24 -2.05 13.37
CA TYR A 52 -12.11 -3.12 12.90
C TYR A 52 -11.40 -4.45 13.02
N LYS A 68 12.94 -15.49 14.59
CA LYS A 68 13.56 -15.78 15.89
C LYS A 68 12.94 -15.09 17.13
N ASP A 69 13.01 -13.77 17.12
CA ASP A 69 12.43 -12.90 18.15
C ASP A 69 11.52 -11.87 17.50
N VAL A 70 10.56 -11.35 18.24
CA VAL A 70 9.48 -10.52 17.67
C VAL A 70 9.13 -9.43 18.72
N TYR A 71 9.03 -8.20 18.25
CA TYR A 71 8.73 -7.02 19.08
C TYR A 71 7.45 -6.27 18.69
N GLU A 72 6.37 -6.40 19.44
CA GLU A 72 5.16 -5.64 19.24
C GLU A 72 5.22 -4.32 20.06
N TYR A 73 5.08 -3.21 19.33
CA TYR A 73 4.98 -1.89 19.87
C TYR A 73 3.53 -1.50 20.13
N TYR A 74 3.18 -1.42 21.42
CA TYR A 74 1.91 -0.84 21.88
C TYR A 74 2.03 0.61 22.32
N ASP A 75 0.99 1.33 21.99
CA ASP A 75 0.76 2.71 22.42
C ASP A 75 -0.69 3.09 22.26
N PRO A 76 -1.50 2.78 23.26
CA PRO A 76 -2.91 3.10 23.21
C PRO A 76 -3.31 4.56 23.01
N THR A 77 -2.38 5.44 23.19
CA THR A 77 -2.55 6.87 23.24
C THR A 77 -2.21 7.48 21.92
N TYR A 78 -1.64 6.70 20.99
CA TYR A 78 -1.30 7.23 19.68
C TYR A 78 -2.60 7.59 18.98
N LEU A 79 -2.59 8.71 18.27
CA LEU A 79 -3.74 9.24 17.53
C LEU A 79 -5.05 9.50 18.27
N LYS A 80 -5.01 9.86 19.53
CA LYS A 80 -6.21 10.21 20.28
C LYS A 80 -6.58 11.66 20.28
N THR A 81 -5.60 12.56 20.29
CA THR A 81 -5.94 13.97 20.22
C THR A 81 -5.91 14.47 18.79
N ASP A 82 -6.75 15.45 18.52
CA ASP A 82 -6.73 16.22 17.30
C ASP A 82 -5.37 16.79 16.86
N ALA A 83 -4.55 17.25 17.83
CA ALA A 83 -3.18 17.72 17.52
C ALA A 83 -2.33 16.59 16.90
N GLU A 84 -2.47 15.39 17.41
CA GLU A 84 -1.69 14.27 16.91
C GLU A 84 -2.24 13.74 15.54
N LYS A 85 -3.55 13.77 15.35
CA LYS A 85 -4.17 13.52 14.06
C LYS A 85 -3.64 14.39 12.97
N ASP A 86 -3.55 15.68 13.29
CA ASP A 86 -2.99 16.69 12.43
C ASP A 86 -1.54 16.42 12.09
N LYS A 87 -0.77 16.01 13.06
CA LYS A 87 0.64 15.61 12.85
C LYS A 87 0.82 14.37 11.94
N PHE A 88 -0.03 13.34 12.21
CA PHE A 88 -0.11 12.15 11.34
C PHE A 88 -0.43 12.49 9.86
N LEU A 89 -1.49 13.29 9.65
CA LEU A 89 -1.90 13.81 8.37
C LEU A 89 -0.80 14.59 7.58
N LYS A 90 -0.17 15.53 8.24
CA LYS A 90 0.93 16.28 7.73
C LYS A 90 2.14 15.43 7.42
N THR A 91 2.42 14.47 8.29
CA THR A 91 3.53 13.55 8.05
C THR A 91 3.22 12.67 6.81
N MET A 92 2.02 12.14 6.69
CA MET A 92 1.63 11.34 5.51
C MET A 92 1.79 12.15 4.22
N ILE A 93 1.37 13.42 4.25
CA ILE A 93 1.49 14.27 3.09
C ILE A 93 2.95 14.50 2.75
N LYS A 94 3.78 14.68 3.78
CA LYS A 94 5.17 14.95 3.56
C LYS A 94 5.80 13.72 2.92
N LEU A 95 5.40 12.56 3.37
CA LEU A 95 5.92 11.32 2.84
C LEU A 95 5.51 11.13 1.41
N PHE A 96 4.26 11.42 1.07
CA PHE A 96 3.88 11.35 -0.33
C PHE A 96 4.64 12.39 -1.13
N ASN A 97 4.88 13.57 -0.57
CA ASN A 97 5.67 14.59 -1.30
C ASN A 97 7.08 14.11 -1.58
N ARG A 98 7.67 13.40 -0.64
CA ARG A 98 8.92 12.77 -0.81
C ARG A 98 8.93 11.72 -1.96
N ILE A 99 7.96 10.83 -1.97
CA ILE A 99 7.84 9.84 -2.99
C ILE A 99 7.71 10.57 -4.32
N ASN A 100 6.89 11.60 -4.30
CA ASN A 100 6.63 12.41 -5.48
C ASN A 100 7.85 13.27 -5.97
N SER A 101 9.03 13.19 -5.33
CA SER A 101 10.18 14.08 -5.64
C SER A 101 11.03 13.55 -6.76
N LYS A 102 10.81 12.31 -7.17
CA LYS A 102 11.67 11.66 -8.16
C LYS A 102 10.82 10.90 -9.19
N PRO A 103 11.32 10.79 -10.42
CA PRO A 103 10.43 10.21 -11.47
C PRO A 103 9.84 8.80 -11.18
N SER A 104 10.61 7.90 -10.55
CA SER A 104 10.12 6.55 -10.25
C SER A 104 8.95 6.53 -9.26
N GLY A 105 9.06 7.32 -8.21
CA GLY A 105 7.95 7.42 -7.25
C GLY A 105 6.75 8.13 -7.81
N GLN A 106 7.00 9.15 -8.64
CA GLN A 106 5.96 9.79 -9.46
C GLN A 106 5.15 8.84 -10.34
N ARG A 107 5.84 7.98 -11.03
CA ARG A 107 5.24 6.93 -11.82
C ARG A 107 4.47 6.00 -10.94
N LEU A 108 5.02 5.61 -9.79
CA LEU A 108 4.28 4.75 -8.78
C LEU A 108 2.93 5.35 -8.42
N LEU A 109 2.94 6.63 -8.09
CA LEU A 109 1.67 7.32 -7.72
C LEU A 109 0.69 7.49 -8.87
N ASP A 110 1.17 7.83 -10.07
CA ASP A 110 0.32 7.89 -11.28
C ASP A 110 -0.39 6.57 -11.59
N MET A 111 0.36 5.48 -11.53
CA MET A 111 -0.19 4.14 -11.75
C MET A 111 -1.23 3.70 -10.71
N ILE A 112 -1.05 4.06 -9.44
CA ILE A 112 -2.07 3.79 -8.42
C ILE A 112 -3.36 4.53 -8.66
N VAL A 113 -3.27 5.84 -8.92
CA VAL A 113 -4.39 6.69 -9.26
C VAL A 113 -5.19 6.17 -10.42
N ASP A 114 -4.49 5.79 -11.47
CA ASP A 114 -5.16 5.18 -12.60
C ASP A 114 -5.72 3.77 -12.45
N ALA A 115 -5.32 3.01 -11.44
CA ALA A 115 -5.63 1.58 -11.38
C ALA A 115 -6.90 1.31 -10.61
N ILE A 116 -7.98 1.92 -11.10
CA ILE A 116 -9.32 1.74 -10.56
C ILE A 116 -9.68 0.27 -10.57
N PRO A 117 -10.18 -0.24 -9.45
CA PRO A 117 -10.74 -1.59 -9.44
C PRO A 117 -11.86 -1.76 -10.49
N TYR A 118 -11.93 -2.97 -11.04
CA TYR A 118 -13.01 -3.36 -11.87
C TYR A 118 -14.33 -3.26 -11.11
N LEU A 119 -15.36 -2.76 -11.78
CA LEU A 119 -16.76 -2.76 -11.27
C LEU A 119 -17.41 -4.15 -11.22
N GLY A 120 -16.93 -5.00 -10.32
CA GLY A 120 -17.47 -6.32 -10.15
C GLY A 120 -16.48 -7.26 -9.51
N ASN A 121 -16.82 -8.53 -9.44
CA ASN A 121 -15.98 -9.60 -8.86
C ASN A 121 -16.57 -10.89 -9.36
N ALA A 122 -15.98 -12.02 -8.98
CA ALA A 122 -16.40 -13.36 -9.41
C ALA A 122 -17.86 -13.59 -9.30
N SER A 123 -18.56 -12.95 -8.37
CA SER A 123 -19.98 -13.21 -8.18
C SER A 123 -20.86 -12.23 -8.87
N THR A 124 -20.30 -11.24 -9.58
CA THR A 124 -21.17 -10.36 -10.36
C THR A 124 -21.37 -10.92 -11.75
N PRO A 125 -22.58 -10.77 -12.31
CA PRO A 125 -22.81 -11.21 -13.69
C PRO A 125 -21.79 -10.59 -14.68
N PRO A 126 -21.17 -11.41 -15.52
CA PRO A 126 -20.13 -11.01 -16.45
C PRO A 126 -20.60 -9.95 -17.45
N ASP A 127 -21.88 -9.94 -17.74
CA ASP A 127 -22.46 -8.97 -18.62
C ASP A 127 -22.86 -7.62 -17.97
N LYS A 128 -22.56 -7.47 -16.68
CA LYS A 128 -22.75 -6.20 -15.98
C LYS A 128 -21.52 -5.59 -15.22
N PHE A 129 -21.56 -4.27 -15.10
CA PHE A 129 -20.84 -3.55 -14.20
C PHE A 129 -21.71 -3.43 -12.90
N ALA A 130 -21.05 -3.60 -11.76
CA ALA A 130 -21.65 -3.51 -10.45
C ALA A 130 -20.67 -2.66 -9.57
N ALA A 131 -20.98 -1.40 -9.32
CA ALA A 131 -20.21 -0.52 -8.47
C ALA A 131 -20.52 -0.72 -7.00
N ASN A 132 -21.67 -1.29 -6.72
CA ASN A 132 -22.17 -1.34 -5.38
C ASN A 132 -21.70 -2.59 -4.67
N VAL A 133 -20.42 -2.92 -4.81
CA VAL A 133 -19.88 -4.10 -4.19
C VAL A 133 -18.65 -3.72 -3.35
N ALA A 134 -18.32 -4.60 -2.39
CA ALA A 134 -17.44 -4.24 -1.28
C ALA A 134 -16.01 -4.06 -1.74
N ASN A 135 -15.61 -4.71 -2.84
CA ASN A 135 -14.27 -4.45 -3.40
C ASN A 135 -14.15 -3.10 -4.16
N VAL A 136 -15.28 -2.44 -4.38
CA VAL A 136 -15.29 -1.24 -5.18
C VAL A 136 -15.62 0.07 -4.38
N SER A 137 -16.70 0.02 -3.61
CA SER A 137 -17.41 1.15 -2.99
C SER A 137 -17.52 1.05 -1.43
N ILE A 138 -17.36 2.21 -0.80
CA ILE A 138 -17.66 2.49 0.62
C ILE A 138 -18.77 3.52 0.72
N ASN A 139 -19.24 3.71 1.94
CA ASN A 139 -20.25 4.73 2.24
C ASN A 139 -19.57 6.05 2.59
N LYS A 140 -20.09 7.10 2.00
CA LYS A 140 -19.78 8.47 2.29
C LYS A 140 -21.05 9.17 2.79
N LYS A 141 -20.89 10.05 3.75
CA LYS A 141 -22.02 10.76 4.31
C LYS A 141 -21.90 12.20 3.92
N ILE A 142 -22.88 12.70 3.18
CA ILE A 142 -22.99 14.10 2.75
C ILE A 142 -23.58 14.88 3.92
N ILE A 143 -22.81 15.77 4.54
CA ILE A 143 -23.24 16.51 5.70
C ILE A 143 -23.81 17.84 5.27
N GLN A 144 -25.11 18.01 5.44
CA GLN A 144 -25.79 19.25 5.10
C GLN A 144 -26.52 19.77 6.33
N PRO A 145 -26.24 21.03 6.71
CA PRO A 145 -26.97 21.67 7.81
C PRO A 145 -28.43 21.99 7.50
N GLY A 146 -29.33 21.49 8.36
CA GLY A 146 -30.76 21.70 8.17
C GLY A 146 -31.49 20.44 7.78
N ALA A 147 -30.86 19.57 7.00
CA ALA A 147 -31.51 18.33 6.55
C ALA A 147 -30.79 17.08 7.03
N GLU A 148 -31.51 15.96 6.99
CA GLU A 148 -30.91 14.66 7.30
C GLU A 148 -29.80 14.31 6.30
N ASP A 149 -28.75 13.72 6.83
CA ASP A 149 -27.52 13.40 6.07
C ASP A 149 -27.70 12.19 5.17
N GLN A 150 -27.33 12.36 3.89
CA GLN A 150 -27.51 11.30 2.91
C GLN A 150 -26.28 10.42 2.87
N ILE A 151 -26.50 9.14 2.61
CA ILE A 151 -25.46 8.12 2.46
C ILE A 151 -25.33 7.78 0.97
N LYS A 152 -24.15 8.00 0.40
CA LYS A 152 -23.86 7.85 -1.03
C LYS A 152 -22.65 6.90 -1.19
N GLY A 153 -22.63 6.14 -2.25
CA GLY A 153 -21.52 5.27 -2.56
C GLY A 153 -20.29 6.08 -2.99
N LEU A 154 -19.08 5.56 -2.75
CA LEU A 154 -17.86 6.27 -3.08
C LEU A 154 -16.83 5.29 -3.43
N MET A 155 -16.24 5.49 -4.61
CA MET A 155 -15.22 4.65 -5.12
C MET A 155 -13.83 5.24 -4.81
N THR A 156 -12.91 4.42 -4.30
CA THR A 156 -11.62 4.84 -3.95
C THR A 156 -10.61 3.78 -4.42
N ASN A 157 -9.33 4.12 -4.53
CA ASN A 157 -8.27 3.12 -4.80
C ASN A 157 -7.51 2.69 -3.52
N LEU A 158 -7.21 3.67 -2.64
CA LEU A 158 -6.42 3.56 -1.46
C LEU A 158 -6.94 4.43 -0.31
N ILE A 159 -7.19 3.76 0.82
CA ILE A 159 -7.44 4.36 2.11
C ILE A 159 -6.32 3.98 3.14
N ILE A 160 -5.65 5.03 3.67
CA ILE A 160 -4.60 4.90 4.69
C ILE A 160 -5.12 5.31 6.05
N PHE A 161 -5.25 4.29 6.90
CA PHE A 161 -5.43 4.45 8.35
C PHE A 161 -4.17 4.55 9.13
N GLY A 162 -4.35 4.97 10.38
CA GLY A 162 -3.41 4.76 11.44
C GLY A 162 -3.42 3.28 11.84
N PRO A 163 -2.54 2.91 12.79
CA PRO A 163 -2.33 1.51 13.17
C PRO A 163 -3.47 0.94 14.01
N GLY A 164 -3.55 -0.40 14.06
CA GLY A 164 -4.47 -1.04 15.01
C GLY A 164 -3.75 -1.03 16.38
N PRO A 165 -4.04 -1.95 17.25
CA PRO A 165 -3.31 -2.01 18.57
C PRO A 165 -1.75 -2.10 18.57
N VAL A 166 -1.19 -2.79 17.59
CA VAL A 166 0.22 -2.95 17.42
C VAL A 166 0.69 -1.89 16.41
N LEU A 167 1.51 -0.92 16.81
CA LEU A 167 1.96 0.10 15.89
C LEU A 167 3.02 -0.39 14.92
N SER A 168 3.86 -1.29 15.39
CA SER A 168 5.06 -1.76 14.69
C SER A 168 4.65 -2.65 13.48
N ASP A 169 3.35 -2.77 13.18
CA ASP A 169 2.90 -3.76 12.25
C ASP A 169 2.05 -3.11 11.12
N ASN A 170 2.67 -2.17 10.39
CA ASN A 170 2.23 -1.74 9.03
C ASN A 170 1.76 -2.94 8.24
N PHE A 171 0.62 -2.78 7.59
CA PHE A 171 0.02 -3.88 6.88
C PHE A 171 -1.02 -3.43 5.83
N THR A 172 -0.96 -4.02 4.65
CA THR A 172 -1.97 -3.76 3.61
C THR A 172 -2.83 -4.95 3.27
N ASP A 173 -4.11 -4.67 3.06
CA ASP A 173 -5.17 -5.68 2.83
C ASP A 173 -6.36 -5.15 1.99
N SER A 174 -7.32 -6.06 1.80
CA SER A 174 -8.71 -5.74 1.41
C SER A 174 -9.70 -6.26 2.46
N MET A 175 -10.98 -6.07 2.18
CA MET A 175 -12.04 -6.90 2.77
C MET A 175 -12.33 -7.91 1.65
N ILE A 176 -11.95 -9.18 1.87
CA ILE A 176 -12.18 -10.22 0.83
C ILE A 176 -13.55 -10.96 0.98
N MET A 177 -14.05 -11.33 -0.19
CA MET A 177 -15.45 -11.65 -0.40
C MET A 177 -15.75 -13.05 0.11
N ASN A 178 -17.02 -13.43 -0.03
CA ASN A 178 -17.46 -14.79 0.26
C ASN A 178 -17.06 -15.73 -0.89
N GLY A 179 -16.08 -16.58 -0.61
CA GLY A 179 -15.43 -17.39 -1.63
C GLY A 179 -14.28 -16.58 -2.20
N HIS A 180 -14.42 -16.20 -3.46
CA HIS A 180 -13.40 -15.54 -4.28
C HIS A 180 -12.51 -14.36 -3.70
N SER A 181 -11.43 -14.05 -4.42
CA SER A 181 -10.51 -12.99 -4.01
C SER A 181 -10.09 -12.06 -5.15
N PRO A 182 -10.77 -10.91 -5.27
CA PRO A 182 -10.56 -10.01 -6.41
C PRO A 182 -9.15 -9.48 -6.67
N ILE A 183 -8.38 -9.34 -5.60
CA ILE A 183 -7.02 -8.88 -5.71
C ILE A 183 -6.03 -9.88 -6.34
N SER A 184 -6.45 -11.14 -6.50
CA SER A 184 -5.69 -12.15 -7.15
C SER A 184 -6.36 -12.68 -8.45
N GLU A 185 -7.48 -12.07 -8.89
CA GLU A 185 -8.18 -12.54 -10.08
C GLU A 185 -8.42 -11.46 -11.14
N GLY A 186 -7.57 -10.43 -11.17
CA GLY A 186 -7.61 -9.40 -12.25
C GLY A 186 -8.59 -8.25 -11.97
N PHE A 187 -9.66 -8.53 -11.23
CA PHE A 187 -10.64 -7.45 -10.89
C PHE A 187 -9.95 -6.33 -10.12
N GLY A 188 -9.08 -6.73 -9.18
CA GLY A 188 -8.46 -5.82 -8.23
C GLY A 188 -9.50 -5.44 -7.20
N ALA A 189 -9.14 -4.52 -6.32
CA ALA A 189 -9.98 -4.24 -5.15
C ALA A 189 -9.44 -3.01 -4.56
N ARG A 190 -10.34 -2.17 -4.03
CA ARG A 190 -9.92 -1.02 -3.29
C ARG A 190 -9.03 -1.55 -2.13
N MET A 191 -7.97 -0.80 -1.86
CA MET A 191 -6.91 -1.25 -0.89
C MET A 191 -6.92 -0.38 0.36
N MET A 192 -6.69 -0.99 1.50
CA MET A 192 -6.47 -0.30 2.78
C MET A 192 -5.13 -0.65 3.39
N ILE A 193 -4.44 0.39 3.85
CA ILE A 193 -3.18 0.31 4.60
C ILE A 193 -3.43 0.80 6.03
N ARG A 194 -2.89 0.06 7.00
CA ARG A 194 -2.58 0.58 8.34
C ARG A 194 -1.12 0.98 8.44
N PHE A 195 -0.86 2.24 8.81
CA PHE A 195 0.44 2.82 8.79
C PHE A 195 0.74 3.66 10.03
N CYS A 196 1.99 3.49 10.56
CA CYS A 196 2.60 4.34 11.55
C CYS A 196 3.88 5.00 11.02
N PRO A 197 3.77 6.25 10.59
CA PRO A 197 4.96 6.83 9.96
C PRO A 197 6.15 7.10 10.87
N SER A 198 5.85 7.27 12.14
CA SER A 198 6.75 7.68 13.15
C SER A 198 7.41 6.47 13.90
N CYS A 199 6.98 5.28 13.51
CA CYS A 199 7.50 4.01 14.04
C CYS A 199 8.54 3.41 13.05
N LEU A 200 9.83 3.39 13.38
CA LEU A 200 10.84 3.08 12.38
C LEU A 200 11.36 1.69 12.58
N ASN A 201 11.36 0.92 11.51
CA ASN A 201 12.03 -0.39 11.47
C ASN A 201 13.52 -0.16 11.65
N VAL A 202 14.16 -1.12 12.29
CA VAL A 202 15.62 -1.12 12.55
C VAL A 202 16.22 -2.43 12.00
N PHE A 203 17.31 -2.31 11.26
CA PHE A 203 18.03 -3.46 10.69
C PHE A 203 19.56 -3.30 10.88
N ASN A 204 20.32 -4.36 10.55
CA ASN A 204 21.76 -4.45 10.62
C ASN A 204 22.49 -4.44 9.30
N ASN A 205 23.77 -4.08 9.35
CA ASN A 205 24.74 -4.28 8.30
C ASN A 205 26.02 -4.62 9.01
N VAL A 206 26.64 -5.70 8.58
CA VAL A 206 27.97 -6.03 8.93
C VAL A 206 28.87 -5.09 8.11
N GLN A 207 29.69 -4.32 8.83
CA GLN A 207 30.47 -3.28 8.20
C GLN A 207 31.94 -3.19 8.66
N GLU A 208 32.76 -2.92 7.62
CA GLU A 208 34.22 -2.74 7.69
C GLU A 208 34.56 -1.43 8.39
N ASN A 209 35.23 -1.50 9.56
CA ASN A 209 35.61 -0.28 10.37
C ASN A 209 36.34 0.78 9.53
N LYS A 210 35.52 1.45 8.71
CA LYS A 210 35.97 2.31 7.62
C LYS A 210 37.36 1.84 7.11
N ILE A 214 38.63 -4.29 11.38
CA ILE A 214 37.65 -5.02 12.19
C ILE A 214 36.21 -4.82 11.65
N PHE A 215 35.43 -5.91 11.70
CA PHE A 215 34.04 -6.00 11.25
C PHE A 215 33.12 -5.96 12.46
N SER A 216 32.01 -5.23 12.30
CA SER A 216 31.02 -5.12 13.37
C SER A 216 29.63 -4.89 12.76
N ARG A 217 28.61 -5.06 13.60
CA ARG A 217 27.24 -4.89 13.19
C ARG A 217 26.84 -3.46 13.41
N ARG A 218 26.46 -2.80 12.32
CA ARG A 218 25.95 -1.45 12.46
C ARG A 218 24.41 -1.41 12.24
N ALA A 219 23.73 -0.77 13.18
CA ALA A 219 22.31 -0.67 13.25
C ALA A 219 21.81 0.56 12.46
N TYR A 220 20.79 0.37 11.61
CA TYR A 220 20.17 1.48 10.92
C TYR A 220 18.66 1.40 11.09
N PHE A 221 18.04 2.55 10.85
CA PHE A 221 16.63 2.74 10.86
C PHE A 221 16.13 3.08 9.47
N ALA A 222 14.90 2.62 9.19
CA ALA A 222 14.21 2.88 7.91
C ALA A 222 13.83 4.34 7.71
N ASP A 223 13.94 4.76 6.43
CA ASP A 223 13.25 5.93 5.97
C ASP A 223 11.76 5.57 5.74
N PRO A 224 10.85 6.20 6.48
CA PRO A 224 9.44 5.79 6.43
C PRO A 224 8.74 6.00 5.06
N ALA A 225 9.31 6.84 4.21
CA ALA A 225 8.86 6.97 2.85
C ALA A 225 9.14 5.76 2.06
N LEU A 226 10.26 5.08 2.33
CA LEU A 226 10.52 3.82 1.62
C LEU A 226 9.63 2.72 2.22
N THR A 227 9.45 2.74 3.55
CA THR A 227 8.46 1.90 4.17
C THR A 227 7.04 2.05 3.50
N LEU A 228 6.60 3.27 3.27
CA LEU A 228 5.37 3.57 2.60
C LEU A 228 5.37 3.06 1.16
N MET A 229 6.43 3.33 0.42
CA MET A 229 6.56 2.93 -0.98
C MET A 229 6.42 1.38 -1.11
N HIS A 230 6.98 0.66 -0.16
CA HIS A 230 6.87 -0.75 -0.09
C HIS A 230 5.37 -1.20 -0.03
N GLU A 231 4.61 -0.72 0.93
CA GLU A 231 3.17 -1.01 1.01
C GLU A 231 2.44 -0.57 -0.29
N LEU A 232 2.84 0.58 -0.87
CA LEU A 232 2.24 1.09 -2.09
C LEU A 232 2.42 0.15 -3.24
N ILE A 233 3.54 -0.57 -3.29
CA ILE A 233 3.77 -1.61 -4.29
C ILE A 233 2.75 -2.76 -4.22
N HIS A 234 2.47 -3.17 -3.02
CA HIS A 234 1.44 -4.08 -2.75
C HIS A 234 0.05 -3.64 -3.12
N VAL A 235 -0.25 -2.39 -2.75
CA VAL A 235 -1.42 -1.69 -3.18
C VAL A 235 -1.59 -1.79 -4.71
N LEU A 236 -0.56 -1.41 -5.45
CA LEU A 236 -0.57 -1.49 -6.87
C LEU A 236 -0.84 -2.91 -7.44
N HIS A 237 -0.16 -3.89 -6.89
CA HIS A 237 -0.41 -5.25 -7.26
C HIS A 237 -1.83 -5.64 -6.99
N GLY A 238 -2.33 -5.33 -5.80
CA GLY A 238 -3.76 -5.59 -5.49
C GLY A 238 -4.79 -4.91 -6.37
N LEU A 239 -4.59 -3.64 -6.68
CA LEU A 239 -5.44 -2.91 -7.61
C LEU A 239 -5.49 -3.48 -9.06
N TYR A 240 -4.39 -4.08 -9.49
CA TYR A 240 -4.29 -4.80 -10.78
C TYR A 240 -4.80 -6.26 -10.76
N GLY A 241 -5.17 -6.72 -9.58
CA GLY A 241 -5.68 -8.06 -9.42
C GLY A 241 -4.59 -9.10 -9.68
N ILE A 242 -3.34 -8.75 -9.38
CA ILE A 242 -2.24 -9.67 -9.57
C ILE A 242 -1.45 -9.95 -8.31
N LYS A 243 -2.09 -9.82 -7.14
CA LYS A 243 -1.49 -10.25 -5.93
C LYS A 243 -1.72 -11.73 -5.72
N ILE A 244 -0.96 -12.51 -6.45
CA ILE A 244 -1.22 -13.90 -6.67
C ILE A 244 -0.27 -14.73 -5.79
N SER A 245 -0.84 -15.66 -5.06
CA SER A 245 -0.18 -16.66 -4.25
C SER A 245 0.50 -17.78 -5.02
N ASN A 246 1.67 -18.23 -4.55
CA ASN A 246 2.28 -19.49 -4.93
C ASN A 246 1.20 -20.56 -4.71
N LEU A 247 1.22 -21.61 -5.51
CA LEU A 247 0.46 -22.83 -5.21
C LEU A 247 0.58 -23.17 -3.71
N PRO A 248 -0.51 -23.65 -3.08
CA PRO A 248 -0.39 -24.04 -1.69
C PRO A 248 0.43 -25.34 -1.56
N ILE A 249 0.86 -25.64 -0.35
CA ILE A 249 1.50 -26.94 -0.07
C ILE A 249 0.44 -27.97 0.48
N THR A 250 -0.24 -28.71 -0.42
CA THR A 250 -1.52 -29.46 -0.12
C THR A 250 -1.36 -30.98 -0.23
N PRO A 251 -1.84 -31.77 0.78
CA PRO A 251 -1.62 -33.26 0.78
C PRO A 251 -2.37 -34.05 -0.28
N PHE A 257 -0.41 -34.76 6.32
CA PHE A 257 -0.26 -33.29 6.49
C PHE A 257 -1.53 -32.44 6.05
N MET A 258 -1.51 -31.20 6.55
CA MET A 258 -2.60 -30.25 6.49
C MET A 258 -2.20 -29.09 5.56
N GLN A 259 -3.04 -28.84 4.56
CA GLN A 259 -2.85 -27.80 3.55
C GLN A 259 -2.46 -26.48 4.18
N HIS A 260 -1.55 -25.76 3.54
CA HIS A 260 -1.06 -24.46 4.04
C HIS A 260 -0.31 -23.76 2.95
N SER A 261 -0.02 -22.48 3.20
CA SER A 261 0.58 -21.67 2.17
C SER A 261 2.11 -21.74 2.23
N ASP A 262 2.73 -21.58 1.07
CA ASP A 262 4.18 -21.48 0.97
C ASP A 262 4.72 -20.34 1.88
N PRO A 263 5.67 -20.64 2.79
CA PRO A 263 6.29 -19.56 3.58
C PRO A 263 6.96 -18.50 2.73
N VAL A 264 7.39 -18.88 1.53
CA VAL A 264 8.14 -17.96 0.68
C VAL A 264 7.29 -17.61 -0.51
N GLN A 265 6.51 -16.53 -0.39
CA GLN A 265 5.60 -16.05 -1.40
C GLN A 265 6.33 -15.19 -2.39
N ALA A 266 6.23 -15.53 -3.67
CA ALA A 266 6.95 -14.86 -4.74
C ALA A 266 6.61 -13.37 -4.90
N GLU A 267 5.33 -12.98 -4.75
CA GLU A 267 4.94 -11.59 -4.80
C GLU A 267 5.59 -10.77 -3.69
N GLU A 268 5.83 -11.39 -2.51
CA GLU A 268 6.48 -10.70 -1.39
C GLU A 268 7.93 -10.43 -1.76
N LEU A 269 8.60 -11.43 -2.31
CA LEU A 269 9.96 -11.31 -2.75
C LEU A 269 10.15 -10.35 -3.92
N TYR A 270 9.24 -10.40 -4.89
CA TYR A 270 9.18 -9.43 -5.97
C TYR A 270 9.08 -7.99 -5.43
N THR A 271 8.21 -7.78 -4.46
CA THR A 271 8.03 -6.47 -3.91
C THR A 271 9.29 -5.90 -3.27
N PHE A 272 10.14 -6.79 -2.71
CA PHE A 272 11.42 -6.44 -2.11
C PHE A 272 12.53 -6.20 -3.10
N GLY A 273 12.74 -7.11 -4.02
CA GLY A 273 13.88 -7.02 -4.93
C GLY A 273 13.71 -7.62 -6.32
N GLY A 274 12.47 -7.70 -6.82
CA GLY A 274 12.24 -8.27 -8.12
C GLY A 274 12.59 -9.74 -8.18
N HIS A 275 13.21 -10.18 -9.29
CA HIS A 275 13.57 -11.57 -9.37
C HIS A 275 14.50 -11.96 -8.25
N ASP A 276 14.40 -13.20 -7.82
CA ASP A 276 15.26 -13.74 -6.82
C ASP A 276 15.43 -15.20 -7.12
N PRO A 277 16.26 -15.51 -8.17
CA PRO A 277 16.40 -16.90 -8.73
C PRO A 277 16.95 -17.92 -7.79
N SER A 278 17.67 -17.44 -6.77
CA SER A 278 18.28 -18.32 -5.81
C SER A 278 17.24 -18.80 -4.82
N VAL A 279 16.08 -18.09 -4.77
CA VAL A 279 14.98 -18.42 -3.90
C VAL A 279 13.71 -18.86 -4.69
N ILE A 280 13.31 -18.11 -5.73
CA ILE A 280 12.17 -18.39 -6.55
C ILE A 280 12.60 -19.13 -7.83
N SER A 281 12.04 -20.29 -8.05
CA SER A 281 12.29 -20.97 -9.29
C SER A 281 11.62 -20.37 -10.56
N PRO A 282 12.26 -20.57 -11.73
CA PRO A 282 11.69 -20.11 -13.01
C PRO A 282 10.30 -20.67 -13.30
N SER A 283 10.01 -21.89 -12.88
CA SER A 283 8.67 -22.41 -12.90
C SER A 283 7.65 -21.64 -12.06
N THR A 284 8.02 -21.29 -10.84
CA THR A 284 7.17 -20.42 -10.00
C THR A 284 7.01 -19.06 -10.62
N ASP A 285 8.07 -18.47 -11.17
CA ASP A 285 7.95 -17.20 -11.91
C ASP A 285 6.84 -17.30 -12.99
N MET A 286 6.96 -18.36 -13.80
CA MET A 286 6.11 -18.59 -14.95
C MET A 286 4.64 -18.84 -14.59
N ASN A 287 4.39 -19.71 -13.63
CA ASN A 287 3.07 -19.92 -13.04
C ASN A 287 2.34 -18.57 -12.66
N ILE A 288 3.03 -17.73 -11.89
CA ILE A 288 2.51 -16.43 -11.56
C ILE A 288 2.32 -15.50 -12.81
N TYR A 289 3.30 -15.48 -13.71
CA TYR A 289 3.15 -14.83 -15.00
C TYR A 289 1.87 -15.26 -15.74
N ASN A 290 1.64 -16.56 -15.83
CA ASN A 290 0.55 -17.13 -16.61
C ASN A 290 -0.80 -16.85 -15.98
N LYS A 291 -0.84 -16.91 -14.65
CA LYS A 291 -2.05 -16.58 -13.91
C LYS A 291 -2.39 -15.06 -13.98
N ALA A 292 -1.40 -14.17 -13.99
CA ALA A 292 -1.67 -12.77 -14.18
C ALA A 292 -2.24 -12.55 -15.64
N LEU A 293 -1.68 -13.26 -16.61
CA LEU A 293 -2.08 -13.11 -17.99
C LEU A 293 -3.53 -13.56 -18.14
N GLN A 294 -3.86 -14.73 -17.63
CA GLN A 294 -5.20 -15.26 -17.61
C GLN A 294 -6.17 -14.29 -16.88
N ASN A 295 -5.75 -13.73 -15.76
CA ASN A 295 -6.53 -12.71 -15.08
C ASN A 295 -6.87 -11.51 -16.05
N PHE A 296 -5.87 -10.99 -16.75
CA PHE A 296 -6.12 -9.90 -17.70
C PHE A 296 -7.08 -10.33 -18.80
N GLN A 297 -6.86 -11.55 -19.39
CA GLN A 297 -7.75 -12.08 -20.40
C GLN A 297 -9.20 -12.21 -19.86
N ASP A 298 -9.35 -12.67 -18.63
CA ASP A 298 -10.68 -12.72 -18.02
C ASP A 298 -11.37 -11.36 -17.98
N ILE A 299 -10.61 -10.31 -17.69
CA ILE A 299 -11.13 -8.95 -17.65
C ILE A 299 -11.50 -8.49 -19.06
N ALA A 300 -10.61 -8.73 -20.01
CA ALA A 300 -10.91 -8.43 -21.41
C ALA A 300 -12.17 -9.20 -21.88
N ASN A 301 -12.27 -10.52 -21.67
CA ASN A 301 -13.50 -11.26 -21.95
C ASN A 301 -14.79 -10.63 -21.33
N ARG A 302 -14.76 -10.24 -20.05
CA ARG A 302 -15.85 -9.51 -19.40
C ARG A 302 -16.24 -8.21 -20.11
N LEU A 303 -15.23 -7.42 -20.52
CA LEU A 303 -15.43 -6.16 -21.13
C LEU A 303 -16.19 -6.35 -22.43
N ASN A 304 -15.94 -7.46 -23.11
CA ASN A 304 -16.56 -7.70 -24.37
C ASN A 304 -18.01 -8.06 -24.26
N ILE A 305 -18.53 -8.31 -23.07
CA ILE A 305 -19.91 -8.66 -22.91
C ILE A 305 -20.65 -7.79 -21.98
N VAL A 306 -20.01 -6.80 -21.38
CA VAL A 306 -20.70 -5.85 -20.50
C VAL A 306 -21.52 -4.98 -21.30
N SER A 307 -22.78 -4.93 -20.96
CA SER A 307 -23.78 -4.14 -21.75
C SER A 307 -24.62 -3.23 -20.81
N SER A 308 -24.42 -3.34 -19.48
CA SER A 308 -25.10 -2.45 -18.58
C SER A 308 -24.51 -2.59 -17.20
N ALA A 309 -25.05 -1.77 -16.32
CA ALA A 309 -24.66 -1.67 -14.99
C ALA A 309 -25.80 -2.09 -14.09
N GLN A 310 -25.50 -2.58 -12.88
CA GLN A 310 -26.55 -2.98 -11.94
C GLN A 310 -27.42 -1.81 -11.48
N GLY A 311 -26.80 -0.64 -11.38
CA GLY A 311 -27.43 0.53 -10.84
C GLY A 311 -27.49 1.63 -11.90
N SER A 312 -27.59 2.87 -11.44
CA SER A 312 -27.91 3.98 -12.33
C SER A 312 -26.66 4.82 -12.30
N GLY A 313 -26.44 5.69 -13.29
CA GLY A 313 -25.28 6.58 -13.28
C GLY A 313 -24.00 6.05 -13.89
N ILE A 314 -23.86 4.74 -14.05
CA ILE A 314 -22.60 4.18 -14.55
C ILE A 314 -22.62 4.28 -16.07
N ASP A 315 -21.68 5.00 -16.64
CA ASP A 315 -21.58 5.13 -18.06
C ASP A 315 -20.62 4.06 -18.54
N ILE A 316 -21.16 3.03 -19.19
CA ILE A 316 -20.42 1.83 -19.58
C ILE A 316 -19.17 2.06 -20.44
N SER A 317 -19.32 2.83 -21.51
CA SER A 317 -18.19 3.10 -22.44
C SER A 317 -17.11 3.89 -21.78
N LEU A 318 -17.45 4.80 -20.92
CA LEU A 318 -16.43 5.49 -20.19
C LEU A 318 -15.54 4.48 -19.34
N TYR A 319 -16.18 3.57 -18.62
CA TYR A 319 -15.46 2.65 -17.82
C TYR A 319 -14.75 1.58 -18.63
N LYS A 320 -15.31 1.13 -19.74
CA LYS A 320 -14.57 0.33 -20.71
C LYS A 320 -13.25 0.98 -21.14
N GLN A 321 -13.30 2.27 -21.43
CA GLN A 321 -12.09 3.02 -21.77
C GLN A 321 -10.99 3.15 -20.65
N ILE A 322 -11.45 3.44 -19.47
CA ILE A 322 -10.66 3.39 -18.29
C ILE A 322 -9.92 2.02 -18.13
N TYR A 323 -10.66 0.92 -18.23
CA TYR A 323 -10.06 -0.41 -18.10
C TYR A 323 -9.14 -0.75 -19.25
N LYS A 324 -9.51 -0.41 -20.47
CA LYS A 324 -8.58 -0.51 -21.61
C LYS A 324 -7.22 0.18 -21.30
N ASN A 325 -7.28 1.41 -20.79
CA ASN A 325 -6.11 2.17 -20.36
C ASN A 325 -5.40 1.51 -19.19
N LYS A 326 -6.13 1.12 -18.14
CA LYS A 326 -5.49 0.43 -16.99
C LYS A 326 -4.73 -0.85 -17.36
N TYR A 327 -5.40 -1.73 -18.11
CA TYR A 327 -4.84 -3.06 -18.42
C TYR A 327 -4.07 -3.06 -19.73
N ASP A 328 -4.07 -1.91 -20.40
CA ASP A 328 -3.43 -1.71 -21.69
C ASP A 328 -3.85 -2.76 -22.78
N PHE A 329 -5.15 -3.06 -22.79
CA PHE A 329 -5.80 -3.89 -23.81
C PHE A 329 -5.72 -3.27 -25.17
N VAL A 330 -5.72 -4.11 -26.22
CA VAL A 330 -5.93 -3.65 -27.57
C VAL A 330 -7.41 -3.80 -27.95
N GLU A 331 -7.86 -2.91 -28.80
CA GLU A 331 -9.27 -2.84 -29.18
C GLU A 331 -9.28 -3.01 -30.65
N ASP A 332 -10.08 -3.94 -31.16
CA ASP A 332 -10.17 -4.15 -32.61
C ASP A 332 -11.24 -3.24 -33.19
N PRO A 333 -11.31 -3.18 -34.53
CA PRO A 333 -12.30 -2.33 -35.18
C PRO A 333 -13.79 -2.61 -34.83
N ASN A 334 -14.07 -3.72 -34.11
CA ASN A 334 -15.45 -3.98 -33.66
C ASN A 334 -15.75 -3.69 -32.31
N GLY A 335 -14.74 -3.05 -31.61
CA GLY A 335 -14.88 -2.76 -30.29
C GLY A 335 -14.41 -3.87 -29.35
N LYS A 336 -13.91 -4.99 -29.93
CA LYS A 336 -13.44 -6.10 -29.03
C LYS A 336 -12.07 -5.96 -28.48
N TYR A 337 -11.99 -6.17 -27.13
CA TYR A 337 -10.78 -6.12 -26.40
C TYR A 337 -10.07 -7.43 -26.34
N SER A 338 -8.74 -7.34 -26.38
CA SER A 338 -7.88 -8.51 -26.30
C SER A 338 -6.57 -8.10 -25.60
N VAL A 339 -5.83 -9.11 -25.14
CA VAL A 339 -4.54 -8.94 -24.50
C VAL A 339 -3.43 -9.20 -25.50
N ASP A 340 -2.66 -8.16 -25.74
CA ASP A 340 -1.45 -8.22 -26.55
C ASP A 340 -0.30 -8.68 -25.68
N LYS A 341 0.42 -9.70 -26.16
CA LYS A 341 1.49 -10.34 -25.42
C LYS A 341 2.65 -9.39 -25.13
N ASP A 342 3.06 -8.55 -26.06
CA ASP A 342 4.12 -7.58 -25.77
C ASP A 342 3.69 -6.50 -24.78
N LYS A 343 2.45 -6.06 -24.90
CA LYS A 343 1.97 -5.05 -24.00
C LYS A 343 1.81 -5.60 -22.59
N PHE A 344 1.38 -6.85 -22.45
CA PHE A 344 1.21 -7.46 -21.16
C PHE A 344 2.58 -7.62 -20.50
N ASP A 345 3.51 -8.15 -21.30
CA ASP A 345 4.88 -8.44 -20.85
C ASP A 345 5.56 -7.19 -20.28
N LYS A 346 5.46 -6.09 -21.01
CA LYS A 346 6.05 -4.84 -20.56
C LYS A 346 5.38 -4.28 -19.27
N LEU A 347 4.04 -4.35 -19.18
CA LEU A 347 3.28 -3.90 -18.02
C LEU A 347 3.52 -4.84 -16.80
N TYR A 348 3.50 -6.13 -17.01
CA TYR A 348 3.76 -7.07 -15.96
C TYR A 348 5.11 -6.81 -15.29
N LYS A 349 6.14 -6.63 -16.13
CA LYS A 349 7.48 -6.47 -15.66
C LYS A 349 7.63 -5.19 -14.91
N ALA A 350 6.96 -4.15 -15.37
CA ALA A 350 7.00 -2.90 -14.65
C ALA A 350 6.45 -3.04 -13.23
N LEU A 351 5.28 -3.68 -13.13
CA LEU A 351 4.54 -3.89 -11.89
C LEU A 351 5.20 -4.85 -10.89
N MET A 352 5.86 -5.92 -11.40
CA MET A 352 6.48 -6.88 -10.56
C MET A 352 7.98 -6.64 -10.30
N PHE A 353 8.68 -6.10 -11.28
CA PHE A 353 10.10 -6.05 -11.24
C PHE A 353 10.64 -4.66 -11.37
N GLY A 354 9.81 -3.71 -11.71
CA GLY A 354 10.25 -2.31 -11.89
C GLY A 354 10.12 -1.60 -10.56
N PHE A 355 8.93 -1.64 -9.98
CA PHE A 355 8.71 -1.10 -8.66
C PHE A 355 9.00 -2.15 -7.59
N THR A 356 10.23 -2.05 -7.07
CA THR A 356 10.65 -2.87 -5.92
C THR A 356 11.25 -1.97 -4.93
N GLU A 357 11.24 -2.44 -3.68
CA GLU A 357 11.80 -1.68 -2.56
C GLU A 357 13.28 -1.38 -2.78
N THR A 358 14.07 -2.35 -3.24
CA THR A 358 15.49 -2.14 -3.50
C THR A 358 15.80 -1.26 -4.74
N ASN A 359 15.00 -1.37 -5.80
CA ASN A 359 15.11 -0.38 -6.88
C ASN A 359 14.87 1.02 -6.36
N LEU A 360 13.79 1.21 -5.63
CA LEU A 360 13.44 2.57 -5.15
C LEU A 360 14.43 3.06 -4.12
N ALA A 361 14.88 2.22 -3.24
CA ALA A 361 15.88 2.63 -2.27
C ALA A 361 17.08 3.23 -2.98
N GLY A 362 17.52 2.53 -4.00
CA GLY A 362 18.66 2.96 -4.81
C GLY A 362 18.43 4.28 -5.54
N GLU A 363 17.25 4.43 -6.11
CA GLU A 363 16.89 5.68 -6.74
C GLU A 363 16.88 6.84 -5.71
N TYR A 364 16.51 6.58 -4.47
CA TYR A 364 16.29 7.65 -3.45
C TYR A 364 17.48 7.81 -2.48
N GLY A 365 18.54 7.01 -2.64
CA GLY A 365 19.72 7.08 -1.71
C GLY A 365 19.27 6.73 -0.29
N ILE A 366 18.46 5.69 -0.20
CA ILE A 366 17.94 5.19 1.07
C ILE A 366 18.55 3.84 1.32
N LYS A 367 19.13 3.72 2.51
CA LYS A 367 19.48 2.42 3.01
C LYS A 367 18.28 1.55 3.45
N THR A 368 18.29 0.32 3.00
CA THR A 368 17.40 -0.73 3.49
C THR A 368 18.16 -2.01 3.85
N ARG A 369 17.45 -2.94 4.41
CA ARG A 369 17.96 -4.25 4.70
C ARG A 369 18.56 -4.87 3.48
N TYR A 370 19.54 -5.69 3.74
CA TYR A 370 20.35 -6.29 2.72
C TYR A 370 19.53 -7.33 1.95
N SER A 371 18.73 -8.07 2.68
CA SER A 371 17.79 -9.00 2.06
C SER A 371 16.45 -9.15 2.77
N TYR A 372 15.55 -9.78 2.04
CA TYR A 372 14.23 -10.07 2.53
C TYR A 372 14.28 -10.96 3.76
N PHE A 373 15.28 -11.80 3.85
CA PHE A 373 15.50 -12.62 5.04
C PHE A 373 16.27 -11.96 6.25
N SER A 374 16.69 -10.71 6.14
CA SER A 374 17.42 -10.04 7.23
C SER A 374 16.49 -9.80 8.38
N GLU A 375 16.93 -9.95 9.61
CA GLU A 375 15.97 -9.70 10.66
C GLU A 375 15.91 -8.22 11.11
N TYR A 376 14.73 -7.85 11.55
CA TYR A 376 14.42 -6.62 12.23
C TYR A 376 14.79 -6.65 13.69
N LEU A 377 15.38 -5.56 14.14
CA LEU A 377 15.65 -5.38 15.53
C LEU A 377 14.46 -4.67 16.17
N PRO A 378 14.51 -4.43 17.46
CA PRO A 378 13.39 -3.73 18.04
C PRO A 378 13.11 -2.35 17.35
N PRO A 379 11.84 -1.99 17.19
CA PRO A 379 11.61 -0.71 16.48
C PRO A 379 11.99 0.52 17.36
N ILE A 380 12.13 1.69 16.72
CA ILE A 380 12.37 2.93 17.39
C ILE A 380 11.32 3.95 16.91
N LYS A 381 11.25 5.11 17.53
CA LYS A 381 10.18 6.15 17.40
C LYS A 381 10.93 7.38 16.92
N THR A 382 10.39 8.11 15.99
CA THR A 382 10.81 9.48 15.78
C THR A 382 9.65 10.41 15.94
N GLU A 383 9.89 11.53 16.56
CA GLU A 383 8.94 12.64 16.68
C GLU A 383 9.33 13.80 15.75
N LYS A 384 10.36 13.64 14.93
CA LYS A 384 10.97 14.74 14.19
C LYS A 384 10.80 14.78 12.67
N LEU A 385 9.85 14.02 12.12
CA LEU A 385 9.66 13.87 10.67
C LEU A 385 9.17 15.16 10.03
N LEU A 386 8.48 15.99 10.80
CA LEU A 386 8.16 17.40 10.39
C LEU A 386 9.24 18.46 10.66
N ASP A 387 10.40 18.08 11.21
CA ASP A 387 11.51 18.97 11.41
C ASP A 387 12.45 18.90 10.20
N ASN A 388 12.55 19.96 9.41
CA ASN A 388 13.44 19.98 8.24
C ASN A 388 14.96 20.02 8.54
N THR A 389 15.37 20.25 9.77
CA THR A 389 16.79 20.04 10.14
C THR A 389 17.16 18.58 10.29
N ILE A 390 16.14 17.69 10.25
CA ILE A 390 16.30 16.27 10.57
C ILE A 390 15.76 15.38 9.42
N TYR A 391 14.64 15.75 8.82
CA TYR A 391 14.04 14.95 7.75
C TYR A 391 13.48 15.86 6.71
N THR A 392 13.97 15.72 5.48
CA THR A 392 13.48 16.57 4.35
C THR A 392 12.85 15.71 3.23
N GLN A 393 11.98 16.35 2.46
CA GLN A 393 11.40 15.80 1.29
C GLN A 393 12.40 15.23 0.31
N ASN A 394 13.42 16.03 0.02
CA ASN A 394 14.34 15.69 -1.03
C ASN A 394 15.42 14.71 -0.65
N GLU A 395 15.88 14.75 0.61
CA GLU A 395 16.99 13.88 1.08
C GLU A 395 16.63 12.90 2.21
N GLY A 396 15.39 12.96 2.73
CA GLY A 396 15.04 12.27 4.01
C GLY A 396 15.96 12.61 5.14
N PHE A 397 16.56 11.60 5.79
CA PHE A 397 17.48 11.80 6.93
C PHE A 397 18.90 12.08 6.46
N ASN A 398 19.17 11.74 5.21
CA ASN A 398 20.54 11.66 4.70
C ASN A 398 20.97 13.02 4.06
N ILE A 399 20.93 14.05 4.88
CA ILE A 399 21.08 15.48 4.43
C ILE A 399 22.56 15.85 4.22
N ALA A 400 22.90 16.11 2.95
CA ALA A 400 24.35 16.38 2.60
C ALA A 400 24.94 17.55 3.39
N SER A 401 24.13 18.57 3.68
CA SER A 401 24.69 19.76 4.38
C SER A 401 25.07 19.44 5.82
N LYS A 402 24.55 18.31 6.35
CA LYS A 402 24.99 17.94 7.71
C LYS A 402 25.99 16.80 7.70
N ASN A 403 26.53 16.52 6.53
CA ASN A 403 27.36 15.34 6.32
C ASN A 403 26.67 14.03 6.74
N LEU A 404 25.39 13.93 6.44
CA LEU A 404 24.62 12.69 6.73
C LEU A 404 24.30 11.91 5.49
N LYS A 405 24.82 12.38 4.34
CA LYS A 405 24.60 11.66 3.08
C LYS A 405 25.59 10.51 2.91
N THR A 406 26.84 10.75 3.26
CA THR A 406 27.91 9.77 3.11
C THR A 406 27.58 8.52 3.94
N GLU A 407 27.68 7.36 3.28
CA GLU A 407 27.47 6.02 3.91
C GLU A 407 26.08 5.84 4.55
N PHE A 408 25.11 6.65 4.09
CA PHE A 408 23.78 6.80 4.72
C PHE A 408 23.87 7.02 6.25
N ASN A 409 24.74 7.93 6.67
CA ASN A 409 24.94 8.24 8.07
C ASN A 409 23.70 8.77 8.80
N GLY A 410 22.83 9.38 8.04
CA GLY A 410 21.60 9.92 8.62
C GLY A 410 20.62 8.82 9.07
N GLN A 411 20.78 7.60 8.57
CA GLN A 411 19.99 6.43 9.02
C GLN A 411 20.76 5.56 10.03
N ASN A 412 21.97 5.96 10.34
CA ASN A 412 22.88 5.18 11.19
C ASN A 412 22.51 5.42 12.66
N LYS A 413 22.06 4.39 13.37
CA LYS A 413 21.61 4.66 14.77
C LYS A 413 22.73 5.29 15.63
N ALA A 414 24.00 4.90 15.39
CA ALA A 414 25.12 5.40 16.25
C ALA A 414 25.51 6.86 15.95
N VAL A 415 25.25 7.35 14.75
CA VAL A 415 25.62 8.66 14.31
C VAL A 415 24.47 9.68 14.41
N ASN A 416 23.25 9.34 14.02
CA ASN A 416 22.19 10.33 13.94
C ASN A 416 21.18 10.15 15.10
N LYS A 417 21.73 10.12 16.29
CA LYS A 417 20.96 9.91 17.52
C LYS A 417 19.85 10.94 17.78
N GLU A 418 20.03 12.14 17.32
CA GLU A 418 19.03 13.18 17.56
C GLU A 418 17.72 12.89 16.76
N ALA A 419 17.82 12.02 15.76
CA ALA A 419 16.69 11.76 14.89
C ALA A 419 15.57 10.95 15.56
N TYR A 420 15.88 10.25 16.64
CA TYR A 420 14.97 9.16 17.16
C TYR A 420 15.08 8.99 18.62
N GLU A 421 14.16 8.22 19.18
CA GLU A 421 14.31 7.77 20.55
C GLU A 421 13.98 6.28 20.66
N GLU A 422 14.65 5.59 21.60
CA GLU A 422 14.44 4.16 21.85
C GLU A 422 13.05 4.03 22.50
N ILE A 423 12.42 2.87 22.32
CA ILE A 423 11.05 2.59 22.89
C ILE A 423 11.20 1.82 24.22
N SER A 424 10.60 2.29 25.31
CA SER A 424 10.64 1.56 26.59
C SER A 424 9.87 0.25 26.60
N LEU A 425 10.20 -0.55 27.60
CA LEU A 425 9.53 -1.79 27.92
C LEU A 425 8.10 -1.67 28.36
N GLU A 426 7.70 -0.49 28.80
CA GLU A 426 6.26 -0.18 28.93
C GLU A 426 5.37 -0.24 27.71
N HIS A 427 6.01 -0.05 26.56
CA HIS A 427 5.39 -0.15 25.23
C HIS A 427 5.67 -1.46 24.46
N LEU A 428 6.69 -2.23 24.83
CA LEU A 428 7.28 -3.18 23.88
C LEU A 428 6.97 -4.58 24.39
N VAL A 429 6.15 -5.37 23.66
CA VAL A 429 5.86 -6.76 24.05
C VAL A 429 6.78 -7.68 23.24
N ILE A 430 7.45 -8.57 23.93
CA ILE A 430 8.51 -9.40 23.32
C ILE A 430 8.04 -10.88 23.24
N TYR A 431 8.25 -11.48 22.10
CA TYR A 431 8.00 -12.91 21.95
C TYR A 431 9.16 -13.68 21.37
N ARG A 432 9.21 -14.96 21.72
CA ARG A 432 10.13 -15.89 21.06
C ARG A 432 9.38 -16.94 20.30
N ILE A 433 9.96 -17.34 19.18
CA ILE A 433 9.38 -18.33 18.31
C ILE A 433 9.50 -19.72 19.05
N ALA A 434 8.41 -20.47 19.15
CA ALA A 434 8.37 -21.76 19.82
C ALA A 434 7.72 -22.82 18.88
N MET A 435 7.96 -24.10 19.15
CA MET A 435 7.29 -25.20 18.43
C MET A 435 6.27 -25.76 19.40
N CYS A 436 5.00 -25.76 19.02
CA CYS A 436 3.91 -26.13 19.91
C CYS A 436 2.97 -27.12 19.28
N LYS A 437 2.24 -27.89 20.09
CA LYS A 437 1.12 -28.70 19.58
C LYS A 437 0.17 -27.83 18.79
N PRO A 438 -0.22 -28.23 17.56
CA PRO A 438 -1.21 -27.49 16.74
C PRO A 438 -2.66 -27.55 17.27
#